data_4FTJ
#
_entry.id   4FTJ
#
_cell.length_a   45.415
_cell.length_b   65.915
_cell.length_c   58.236
_cell.angle_alpha   90.000
_cell.angle_beta   94.530
_cell.angle_gamma   90.000
#
_symmetry.space_group_name_H-M   'P 1 21 1'
#
loop_
_entity.id
_entity.type
_entity.pdbx_description
1 polymer 'Serine/threonine-protein kinase Chk1'
2 non-polymer trans-4-({[3-(furan-3-yl)-2,4-dihydroindeno[1,2-c]pyrazol-6-yl]methyl}amino)cyclohexanol
3 non-polymer 'SULFATE ION'
4 non-polymer 'ISOPROPYL ALCOHOL'
5 water water
#
_entity_poly.entity_id   1
_entity_poly.type   'polypeptide(L)'
_entity_poly.pdbx_seq_one_letter_code
;AVPFVEDWDLVQTLGEGAYGEVQLAVNRVTEEAVAVKIVDMKRAVDCPENIKKEICINKMLNHENVVKFYGHRREGNIQY
LFLEYCSGGELFDRIEPDIGMPEPDAQRFFHQLMAGVVYLHGIGITHRDIKPENLLLDERDNLKISDFGLATVFRYNNRE
RLLNKMCGTLPYVAPELLKRREFHAEPVDVWSCGIVLTAMLAGELPWDQPSDSCQEYSDWKEKKTYLNPWKKIDSAPLAL
LHKILVENPSARITIPDIKKDRWYNKPLKKGAKRPRVTS
;
_entity_poly.pdbx_strand_id   A
#
loop_
_chem_comp.id
_chem_comp.type
_chem_comp.name
_chem_comp.formula
H8K non-polymer trans-4-({[3-(furan-3-yl)-2,4-dihydroindeno[1,2-c]pyrazol-6-yl]methyl}amino)cyclohexanol 'C21 H23 N3 O2'
IPA non-polymer 'ISOPROPYL ALCOHOL' 'C3 H8 O'
SO4 non-polymer 'SULFATE ION' 'O4 S -2'
#
# COMPACT_ATOMS: atom_id res chain seq x y z
N VAL A 2 14.46 -27.39 -21.88
CA VAL A 2 14.25 -26.55 -23.05
C VAL A 2 15.36 -25.49 -23.12
N PRO A 3 16.18 -25.42 -24.21
CA PRO A 3 17.23 -24.39 -24.26
C PRO A 3 16.67 -22.96 -24.27
N PHE A 4 17.45 -22.02 -23.69
CA PHE A 4 17.24 -20.56 -23.63
C PHE A 4 16.06 -20.11 -22.75
N VAL A 5 15.33 -21.06 -22.10
CA VAL A 5 14.17 -20.79 -21.23
C VAL A 5 14.56 -19.92 -20.00
N GLU A 6 15.86 -19.91 -19.62
CA GLU A 6 16.38 -19.14 -18.48
C GLU A 6 16.87 -17.75 -18.92
N ASP A 7 16.81 -17.41 -20.23
CA ASP A 7 17.26 -16.11 -20.74
C ASP A 7 16.12 -15.09 -20.77
N TRP A 8 16.38 -13.93 -20.16
CA TRP A 8 15.47 -12.80 -20.05
C TRP A 8 16.11 -11.58 -20.68
N ASP A 9 15.35 -10.81 -21.49
CA ASP A 9 15.83 -9.56 -22.09
C ASP A 9 15.25 -8.38 -21.29
N LEU A 10 16.10 -7.42 -20.91
CA LEU A 10 15.67 -6.22 -20.18
C LEU A 10 15.24 -5.20 -21.21
N VAL A 11 13.92 -5.05 -21.40
CA VAL A 11 13.36 -4.20 -22.46
C VAL A 11 13.10 -2.72 -22.05
N GLN A 12 12.75 -2.41 -20.78
CA GLN A 12 12.50 -1.01 -20.39
C GLN A 12 12.55 -0.76 -18.87
N THR A 13 12.80 0.52 -18.49
CA THR A 13 12.87 0.95 -17.09
C THR A 13 11.46 1.25 -16.60
N LEU A 14 11.09 0.60 -15.49
CA LEU A 14 9.78 0.75 -14.86
C LEU A 14 9.80 1.74 -13.71
N GLY A 15 10.90 1.76 -12.96
CA GLY A 15 11.03 2.64 -11.81
C GLY A 15 12.44 2.73 -11.30
N GLU A 16 12.66 3.70 -10.42
CA GLU A 16 13.94 3.94 -9.79
C GLU A 16 13.76 4.24 -8.33
N GLY A 17 14.49 3.51 -7.49
CA GLY A 17 14.48 3.69 -6.04
C GLY A 17 15.85 4.11 -5.53
N ALA A 18 16.01 4.20 -4.20
CA ALA A 18 17.28 4.52 -3.53
C ALA A 18 18.34 3.48 -3.94
N TYR A 19 17.91 2.23 -3.96
CA TYR A 19 18.71 1.08 -4.37
C TYR A 19 19.18 1.09 -5.81
N GLY A 20 18.31 1.49 -6.71
CA GLY A 20 18.62 1.32 -8.10
C GLY A 20 17.37 1.34 -8.93
N GLU A 21 17.22 0.35 -9.79
CA GLU A 21 16.16 0.34 -10.75
C GLU A 21 15.34 -0.91 -10.80
N VAL A 22 14.15 -0.74 -11.32
CA VAL A 22 13.21 -1.82 -11.58
C VAL A 22 13.09 -1.88 -13.11
N GLN A 23 13.45 -3.02 -13.69
CA GLN A 23 13.40 -3.20 -15.14
C GLN A 23 12.34 -4.21 -15.55
N LEU A 24 11.71 -3.99 -16.72
CA LEU A 24 10.78 -4.96 -17.30
C LEU A 24 11.62 -5.99 -18.06
N ALA A 25 11.55 -7.27 -17.65
CA ALA A 25 12.26 -8.38 -18.27
C ALA A 25 11.30 -9.28 -19.01
N VAL A 26 11.67 -9.68 -20.24
CA VAL A 26 10.85 -10.53 -21.12
C VAL A 26 11.64 -11.81 -21.44
N ASN A 27 11.00 -12.98 -21.24
CA ASN A 27 11.64 -14.26 -21.50
C ASN A 27 11.84 -14.49 -23.01
N ARG A 28 13.04 -14.92 -23.38
CA ARG A 28 13.48 -15.19 -24.77
C ARG A 28 12.60 -16.26 -25.46
N VAL A 29 12.19 -17.30 -24.73
CA VAL A 29 11.41 -18.40 -25.30
C VAL A 29 9.90 -18.15 -25.12
N THR A 30 9.45 -17.95 -23.87
CA THR A 30 8.03 -17.86 -23.56
C THR A 30 7.40 -16.47 -23.71
N GLU A 31 8.23 -15.39 -23.76
CA GLU A 31 7.80 -13.98 -23.83
C GLU A 31 7.07 -13.55 -22.54
N GLU A 32 7.23 -14.33 -21.44
CA GLU A 32 6.66 -14.00 -20.14
C GLU A 32 7.33 -12.73 -19.63
N ALA A 33 6.55 -11.80 -19.09
CA ALA A 33 7.05 -10.53 -18.58
C ALA A 33 7.14 -10.58 -17.06
N VAL A 34 8.29 -10.18 -16.52
CA VAL A 34 8.53 -10.08 -15.07
C VAL A 34 9.25 -8.75 -14.80
N ALA A 35 9.14 -8.26 -13.57
CA ALA A 35 9.85 -7.07 -13.11
C ALA A 35 11.12 -7.52 -12.39
N VAL A 36 12.26 -6.94 -12.75
CA VAL A 36 13.53 -7.30 -12.13
C VAL A 36 14.01 -6.11 -11.32
N LYS A 37 14.20 -6.32 -10.01
CA LYS A 37 14.69 -5.28 -9.10
C LYS A 37 16.20 -5.48 -8.96
N ILE A 38 16.95 -4.47 -9.39
CA ILE A 38 18.42 -4.47 -9.42
C ILE A 38 18.91 -3.52 -8.31
N VAL A 39 19.46 -4.11 -7.23
CA VAL A 39 19.92 -3.38 -6.05
C VAL A 39 21.46 -3.39 -5.99
N ILE A 51 18.20 -5.31 2.05
CA ILE A 51 18.20 -6.21 0.89
C ILE A 51 18.00 -7.67 1.34
N LYS A 52 18.77 -8.12 2.36
CA LYS A 52 18.68 -9.48 2.88
C LYS A 52 17.33 -9.72 3.58
N LYS A 53 16.80 -8.69 4.26
CA LYS A 53 15.52 -8.71 4.97
C LYS A 53 14.35 -8.69 3.96
N GLU A 54 14.48 -7.90 2.86
CA GLU A 54 13.49 -7.79 1.79
C GLU A 54 13.26 -9.12 1.07
N ILE A 55 14.34 -9.88 0.80
CA ILE A 55 14.30 -11.19 0.14
C ILE A 55 13.62 -12.20 1.09
N CYS A 56 14.07 -12.23 2.37
CA CYS A 56 13.51 -13.13 3.39
CA CYS A 56 13.53 -13.11 3.41
C CYS A 56 12.02 -12.87 3.60
N ILE A 57 11.61 -11.58 3.64
CA ILE A 57 10.20 -11.23 3.82
C ILE A 57 9.43 -11.65 2.55
N ASN A 58 9.96 -11.33 1.34
CA ASN A 58 9.32 -11.69 0.06
C ASN A 58 9.12 -13.20 -0.10
N LYS A 59 10.00 -14.03 0.48
CA LYS A 59 9.93 -15.50 0.42
C LYS A 59 8.74 -16.05 1.23
N MET A 60 8.27 -15.31 2.25
CA MET A 60 7.12 -15.65 3.10
C MET A 60 5.76 -15.39 2.42
N LEU A 61 5.72 -14.45 1.45
CA LEU A 61 4.49 -13.91 0.85
C LEU A 61 3.85 -14.73 -0.26
N ASN A 62 2.54 -14.93 -0.14
CA ASN A 62 1.71 -15.62 -1.13
C ASN A 62 0.26 -15.19 -0.97
N HIS A 63 -0.15 -14.16 -1.73
CA HIS A 63 -1.50 -13.60 -1.72
C HIS A 63 -1.78 -12.87 -3.03
N GLU A 64 -3.05 -12.92 -3.48
CA GLU A 64 -3.53 -12.29 -4.72
C GLU A 64 -3.41 -10.73 -4.73
N ASN A 65 -3.31 -10.07 -3.55
CA ASN A 65 -3.16 -8.61 -3.48
C ASN A 65 -1.75 -8.18 -3.00
N VAL A 66 -0.78 -9.07 -3.16
CA VAL A 66 0.63 -8.85 -2.81
C VAL A 66 1.47 -9.24 -4.04
N VAL A 67 2.43 -8.39 -4.44
CA VAL A 67 3.31 -8.64 -5.59
C VAL A 67 4.11 -9.95 -5.36
N LYS A 68 4.01 -10.91 -6.30
CA LYS A 68 4.65 -12.23 -6.25
C LYS A 68 6.15 -12.14 -6.34
N PHE A 69 6.84 -13.03 -5.59
CA PHE A 69 8.30 -13.18 -5.60
C PHE A 69 8.62 -14.52 -6.28
N TYR A 70 9.37 -14.46 -7.41
CA TYR A 70 9.70 -15.66 -8.20
C TYR A 70 11.05 -16.26 -7.80
N GLY A 71 11.97 -15.43 -7.33
CA GLY A 71 13.29 -15.83 -6.88
C GLY A 71 14.29 -14.70 -6.93
N HIS A 72 15.53 -14.99 -6.55
CA HIS A 72 16.62 -14.03 -6.52
C HIS A 72 17.95 -14.66 -6.95
N ARG A 73 18.83 -13.85 -7.53
CA ARG A 73 20.17 -14.26 -7.94
C ARG A 73 21.15 -13.11 -7.71
N ARG A 74 22.31 -13.43 -7.13
CA ARG A 74 23.36 -12.44 -6.86
C ARG A 74 24.52 -12.62 -7.84
N GLU A 75 24.80 -11.58 -8.64
CA GLU A 75 25.91 -11.57 -9.59
C GLU A 75 27.01 -10.67 -9.01
N GLY A 76 27.72 -11.22 -8.02
CA GLY A 76 28.79 -10.54 -7.30
C GLY A 76 28.26 -9.55 -6.30
N ASN A 77 28.43 -8.24 -6.60
CA ASN A 77 27.99 -7.13 -5.76
C ASN A 77 26.55 -6.70 -6.09
N ILE A 78 25.97 -7.24 -7.18
CA ILE A 78 24.61 -6.89 -7.62
C ILE A 78 23.62 -8.03 -7.32
N GLN A 79 22.49 -7.69 -6.68
CA GLN A 79 21.41 -8.62 -6.36
C GLN A 79 20.22 -8.35 -7.29
N TYR A 80 19.68 -9.41 -7.90
CA TYR A 80 18.55 -9.38 -8.84
C TYR A 80 17.32 -10.04 -8.24
N LEU A 81 16.26 -9.27 -7.98
CA LEU A 81 15.01 -9.79 -7.44
C LEU A 81 14.01 -9.95 -8.58
N PHE A 82 13.49 -11.17 -8.79
CA PHE A 82 12.52 -11.45 -9.85
C PHE A 82 11.14 -11.38 -9.26
N LEU A 83 10.38 -10.36 -9.67
CA LEU A 83 9.06 -10.06 -9.12
C LEU A 83 8.00 -9.89 -10.20
N GLU A 84 6.74 -9.95 -9.79
CA GLU A 84 5.56 -9.84 -10.62
C GLU A 84 5.52 -8.50 -11.36
N TYR A 85 5.28 -8.58 -12.68
CA TYR A 85 5.07 -7.42 -13.52
C TYR A 85 3.59 -7.08 -13.44
N CYS A 86 3.29 -5.81 -13.18
CA CYS A 86 1.94 -5.31 -13.05
C CYS A 86 1.75 -4.26 -14.16
N SER A 87 1.16 -4.68 -15.31
CA SER A 87 1.00 -3.86 -16.52
C SER A 87 0.15 -2.58 -16.33
N GLY A 88 -0.76 -2.58 -15.35
CA GLY A 88 -1.60 -1.42 -15.04
C GLY A 88 -0.85 -0.25 -14.43
N GLY A 89 0.38 -0.48 -13.99
CA GLY A 89 1.23 0.54 -13.39
C GLY A 89 0.85 0.85 -11.96
N GLU A 90 1.14 2.07 -11.52
CA GLU A 90 0.92 2.54 -10.16
C GLU A 90 -0.46 3.14 -9.96
N LEU A 91 -1.03 2.93 -8.76
CA LEU A 91 -2.30 3.53 -8.33
C LEU A 91 -2.17 5.07 -8.42
N PHE A 92 -0.97 5.60 -8.09
CA PHE A 92 -0.66 7.02 -8.16
C PHE A 92 -1.13 7.65 -9.49
N ASP A 93 -0.93 6.96 -10.62
CA ASP A 93 -1.28 7.47 -11.95
C ASP A 93 -2.77 7.33 -12.30
N ARG A 94 -3.58 6.79 -11.39
CA ARG A 94 -5.03 6.68 -11.54
C ARG A 94 -5.71 7.82 -10.78
N ILE A 95 -4.95 8.52 -9.92
CA ILE A 95 -5.47 9.63 -9.12
C ILE A 95 -5.30 10.93 -9.94
N GLU A 96 -6.40 11.62 -10.26
CA GLU A 96 -6.36 12.88 -11.00
C GLU A 96 -6.12 14.01 -9.99
N PRO A 97 -5.02 14.80 -10.12
CA PRO A 97 -4.73 15.82 -9.09
C PRO A 97 -5.91 16.76 -8.80
N ASP A 98 -6.18 16.98 -7.49
CA ASP A 98 -7.27 17.81 -6.94
C ASP A 98 -8.70 17.30 -7.30
N ILE A 99 -8.84 16.11 -7.93
CA ILE A 99 -10.14 15.54 -8.30
C ILE A 99 -10.33 14.15 -7.61
N GLY A 100 -9.33 13.28 -7.79
CA GLY A 100 -9.30 11.92 -7.29
C GLY A 100 -9.65 10.95 -8.41
N MET A 101 -10.67 10.13 -8.16
CA MET A 101 -11.17 9.12 -9.11
C MET A 101 -12.63 8.80 -8.76
N PRO A 102 -13.40 8.12 -9.64
CA PRO A 102 -14.79 7.80 -9.26
C PRO A 102 -14.83 6.98 -7.96
N GLU A 103 -15.79 7.30 -7.07
CA GLU A 103 -15.96 6.67 -5.76
C GLU A 103 -16.04 5.14 -5.84
N PRO A 104 -16.75 4.53 -6.85
CA PRO A 104 -16.77 3.05 -6.94
C PRO A 104 -15.38 2.44 -7.19
N ASP A 105 -14.52 3.10 -7.99
CA ASP A 105 -13.15 2.64 -8.26
C ASP A 105 -12.32 2.70 -6.97
N ALA A 106 -12.41 3.81 -6.23
CA ALA A 106 -11.72 3.98 -4.94
C ALA A 106 -12.15 2.89 -3.94
N GLN A 107 -13.45 2.59 -3.88
CA GLN A 107 -13.99 1.57 -2.96
C GLN A 107 -13.43 0.19 -3.29
N ARG A 108 -13.45 -0.19 -4.59
CA ARG A 108 -12.90 -1.46 -5.07
C ARG A 108 -11.41 -1.54 -4.72
N PHE A 109 -10.61 -0.47 -4.99
CA PHE A 109 -9.17 -0.48 -4.67
C PHE A 109 -8.94 -0.58 -3.15
N PHE A 110 -9.77 0.12 -2.34
CA PHE A 110 -9.65 0.07 -0.88
C PHE A 110 -10.00 -1.34 -0.35
N HIS A 111 -11.00 -2.01 -0.96
CA HIS A 111 -11.32 -3.41 -0.56
C HIS A 111 -10.09 -4.32 -0.75
N GLN A 112 -9.43 -4.18 -1.92
CA GLN A 112 -8.27 -4.99 -2.29
C GLN A 112 -7.06 -4.64 -1.45
N LEU A 113 -6.89 -3.36 -1.11
CA LEU A 113 -5.81 -2.91 -0.23
C LEU A 113 -6.02 -3.54 1.16
N MET A 114 -7.29 -3.58 1.64
CA MET A 114 -7.62 -4.16 2.93
C MET A 114 -7.35 -5.66 2.95
N ALA A 115 -7.63 -6.38 1.84
CA ALA A 115 -7.35 -7.83 1.73
C ALA A 115 -5.83 -8.08 1.85
N GLY A 116 -5.02 -7.29 1.15
CA GLY A 116 -3.56 -7.41 1.22
C GLY A 116 -3.01 -7.14 2.61
N VAL A 117 -3.45 -6.05 3.25
CA VAL A 117 -3.00 -5.63 4.58
C VAL A 117 -3.39 -6.70 5.66
N VAL A 118 -4.65 -7.24 5.63
CA VAL A 118 -5.14 -8.30 6.55
CA VAL A 118 -5.08 -8.25 6.63
C VAL A 118 -4.20 -9.52 6.45
N TYR A 119 -3.83 -9.87 5.19
CA TYR A 119 -2.97 -11.00 4.90
C TYR A 119 -1.60 -10.79 5.57
N LEU A 120 -0.97 -9.63 5.30
CA LEU A 120 0.34 -9.27 5.86
C LEU A 120 0.31 -9.24 7.39
N HIS A 121 -0.70 -8.59 8.00
CA HIS A 121 -0.79 -8.54 9.46
C HIS A 121 -1.03 -9.94 10.05
N GLY A 122 -1.79 -10.78 9.34
CA GLY A 122 -2.05 -12.16 9.75
C GLY A 122 -0.81 -13.04 9.87
N ILE A 123 0.25 -12.78 9.07
CA ILE A 123 1.49 -13.53 9.10
C ILE A 123 2.58 -12.74 9.87
N GLY A 124 2.16 -11.70 10.57
CA GLY A 124 3.02 -10.88 11.42
C GLY A 124 3.96 -9.95 10.70
N ILE A 125 3.58 -9.47 9.51
CA ILE A 125 4.38 -8.54 8.72
C ILE A 125 3.68 -7.16 8.63
N THR A 126 4.45 -6.08 8.85
CA THR A 126 4.00 -4.70 8.63
C THR A 126 4.81 -4.14 7.47
N HIS A 127 4.13 -3.52 6.51
CA HIS A 127 4.72 -2.96 5.28
C HIS A 127 5.55 -1.70 5.62
N ARG A 128 4.98 -0.81 6.43
CA ARG A 128 5.53 0.44 6.98
C ARG A 128 5.69 1.58 5.93
N ASP A 129 5.30 1.39 4.65
CA ASP A 129 5.41 2.47 3.66
C ASP A 129 4.29 2.39 2.60
N ILE A 130 3.04 2.18 3.04
CA ILE A 130 1.87 2.14 2.16
C ILE A 130 1.62 3.55 1.60
N LYS A 131 1.61 3.66 0.25
CA LYS A 131 1.35 4.89 -0.47
C LYS A 131 0.98 4.53 -1.92
N PRO A 132 0.34 5.42 -2.72
CA PRO A 132 -0.12 5.04 -4.06
C PRO A 132 1.00 4.65 -5.05
N GLU A 133 2.23 5.12 -4.82
CA GLU A 133 3.43 4.77 -5.60
C GLU A 133 3.80 3.28 -5.42
N ASN A 134 3.45 2.68 -4.28
CA ASN A 134 3.77 1.29 -3.91
C ASN A 134 2.63 0.32 -4.15
N LEU A 135 1.49 0.84 -4.62
CA LEU A 135 0.31 0.02 -4.90
C LEU A 135 0.20 -0.09 -6.40
N LEU A 136 0.45 -1.29 -6.92
CA LEU A 136 0.49 -1.55 -8.35
C LEU A 136 -0.77 -2.25 -8.83
N LEU A 137 -1.07 -2.12 -10.13
CA LEU A 137 -2.27 -2.69 -10.73
C LEU A 137 -1.93 -3.68 -11.84
N ASP A 138 -2.59 -4.85 -11.87
CA ASP A 138 -2.35 -5.83 -12.94
C ASP A 138 -3.21 -5.46 -14.17
N GLU A 139 -3.24 -6.33 -15.21
CA GLU A 139 -4.00 -6.15 -16.46
C GLU A 139 -5.50 -5.98 -16.21
N ARG A 140 -6.05 -6.64 -15.17
CA ARG A 140 -7.46 -6.58 -14.78
C ARG A 140 -7.70 -5.53 -13.65
N ASP A 141 -6.76 -4.58 -13.47
CA ASP A 141 -6.78 -3.51 -12.46
C ASP A 141 -6.88 -4.03 -11.01
N ASN A 142 -6.30 -5.21 -10.73
CA ASN A 142 -6.26 -5.74 -9.37
C ASN A 142 -5.08 -5.14 -8.64
N LEU A 143 -5.35 -4.59 -7.46
CA LEU A 143 -4.34 -3.94 -6.63
C LEU A 143 -3.40 -4.97 -6.00
N LYS A 144 -2.10 -4.65 -6.04
CA LYS A 144 -1.02 -5.45 -5.49
C LYS A 144 -0.10 -4.58 -4.66
N ILE A 145 0.12 -4.95 -3.38
CA ILE A 145 1.06 -4.26 -2.49
C ILE A 145 2.49 -4.63 -2.90
N SER A 146 3.35 -3.61 -3.11
CA SER A 146 4.73 -3.87 -3.52
C SER A 146 5.75 -3.19 -2.59
N ASP A 147 7.04 -3.51 -2.79
CA ASP A 147 8.22 -2.94 -2.11
C ASP A 147 8.25 -3.26 -0.62
N PHE A 148 8.94 -4.35 -0.25
CA PHE A 148 9.05 -4.78 1.14
C PHE A 148 10.39 -4.43 1.75
N GLY A 149 11.03 -3.41 1.17
CA GLY A 149 12.31 -2.88 1.60
C GLY A 149 12.28 -2.27 2.98
N LEU A 150 11.13 -1.72 3.43
CA LEU A 150 10.99 -1.12 4.77
C LEU A 150 10.17 -2.01 5.70
N ALA A 151 9.71 -3.17 5.19
CA ALA A 151 8.87 -4.10 5.92
C ALA A 151 9.62 -4.81 7.04
N THR A 152 8.91 -5.20 8.10
CA THR A 152 9.51 -5.92 9.21
C THR A 152 8.49 -6.86 9.87
N VAL A 153 9.00 -7.81 10.65
CA VAL A 153 8.20 -8.79 11.40
C VAL A 153 7.86 -8.14 12.75
N PHE A 154 6.56 -8.04 13.07
CA PHE A 154 6.14 -7.43 14.33
C PHE A 154 5.55 -8.49 15.27
N ARG A 155 5.27 -9.70 14.75
CA ARG A 155 4.73 -10.78 15.59
C ARG A 155 5.51 -12.05 15.28
N TYR A 156 6.10 -12.64 16.32
CA TYR A 156 6.89 -13.86 16.19
C TYR A 156 6.64 -14.75 17.37
N ASN A 157 6.34 -16.05 17.11
CA ASN A 157 6.03 -17.05 18.13
C ASN A 157 4.85 -16.54 18.96
N ASN A 158 3.86 -15.90 18.24
CA ASN A 158 2.63 -15.33 18.77
CA ASN A 158 2.63 -15.31 18.77
C ASN A 158 2.92 -14.24 19.85
N ARG A 159 4.09 -13.60 19.76
CA ARG A 159 4.49 -12.51 20.68
CA ARG A 159 4.49 -12.52 20.68
C ARG A 159 4.66 -11.24 19.88
N GLU A 160 3.93 -10.18 20.26
CA GLU A 160 4.00 -8.92 19.57
C GLU A 160 5.22 -8.13 20.04
N ARG A 161 5.89 -7.53 19.07
CA ARG A 161 7.03 -6.67 19.26
CA ARG A 161 7.05 -6.68 19.20
C ARG A 161 6.64 -5.22 18.91
N LEU A 162 6.81 -4.31 19.87
CA LEU A 162 6.52 -2.89 19.67
C LEU A 162 7.61 -2.30 18.81
N LEU A 163 7.25 -1.40 17.91
CA LEU A 163 8.23 -0.78 17.03
C LEU A 163 8.69 0.55 17.59
N ASN A 164 9.87 1.02 17.16
CA ASN A 164 10.46 2.32 17.56
C ASN A 164 11.15 3.00 16.38
N LYS A 165 11.41 2.24 15.31
CA LYS A 165 12.08 2.78 14.12
C LYS A 165 11.12 3.71 13.34
N MET A 166 11.57 4.95 13.13
CA MET A 166 10.80 5.91 12.37
C MET A 166 11.13 5.74 10.91
N CYS A 167 10.12 5.40 10.13
CA CYS A 167 10.25 5.21 8.69
C CYS A 167 8.88 5.35 8.00
N GLY A 168 8.95 5.40 6.67
CA GLY A 168 7.81 5.61 5.82
C GLY A 168 7.99 6.94 5.09
N THR A 169 6.87 7.62 4.82
CA THR A 169 6.81 8.87 4.06
C THR A 169 5.88 9.79 4.83
N LEU A 170 6.42 10.92 5.31
CA LEU A 170 5.76 11.91 6.19
C LEU A 170 4.25 12.17 5.92
N PRO A 171 3.75 12.45 4.69
CA PRO A 171 2.31 12.69 4.53
C PRO A 171 1.42 11.49 4.89
N TYR A 172 1.99 10.27 4.88
CA TYR A 172 1.32 8.99 5.13
C TYR A 172 1.58 8.40 6.51
N VAL A 173 2.53 8.95 7.27
CA VAL A 173 2.89 8.39 8.58
CA VAL A 173 2.91 8.40 8.56
C VAL A 173 1.87 8.77 9.63
N ALA A 174 1.64 7.85 10.57
CA ALA A 174 0.71 8.03 11.69
C ALA A 174 1.31 8.98 12.73
N PRO A 175 0.49 9.80 13.44
CA PRO A 175 1.05 10.75 14.42
C PRO A 175 1.88 10.14 15.57
N GLU A 176 1.61 8.88 16.00
CA GLU A 176 2.37 8.28 17.11
C GLU A 176 3.86 8.12 16.78
N LEU A 177 4.21 7.86 15.48
CA LEU A 177 5.57 7.68 15.03
CA LEU A 177 5.60 7.71 15.03
C LEU A 177 6.38 8.96 15.30
N LEU A 178 5.73 10.12 15.20
CA LEU A 178 6.36 11.41 15.46
C LEU A 178 6.30 11.80 16.96
N LYS A 179 5.36 11.26 17.74
CA LYS A 179 5.23 11.70 19.14
C LYS A 179 5.75 10.71 20.18
N ARG A 180 5.62 9.41 19.92
CA ARG A 180 5.95 8.37 20.89
C ARG A 180 7.22 7.66 20.56
N ARG A 181 7.89 7.12 21.59
CA ARG A 181 9.12 6.34 21.47
C ARG A 181 8.79 4.96 20.92
N GLU A 182 7.72 4.33 21.44
CA GLU A 182 7.25 3.00 20.99
C GLU A 182 5.80 3.03 20.55
N PHE A 183 5.45 2.16 19.61
CA PHE A 183 4.11 2.10 19.05
C PHE A 183 3.81 0.72 18.44
N HIS A 184 2.51 0.37 18.40
CA HIS A 184 2.03 -0.86 17.79
C HIS A 184 2.12 -0.72 16.27
N ALA A 185 2.54 -1.79 15.58
CA ALA A 185 2.72 -1.78 14.13
C ALA A 185 1.41 -1.63 13.31
N GLU A 186 0.38 -2.39 13.67
CA GLU A 186 -0.88 -2.46 12.88
C GLU A 186 -1.63 -1.13 12.74
N PRO A 187 -1.89 -0.32 13.81
CA PRO A 187 -2.57 0.97 13.59
C PRO A 187 -1.80 1.92 12.66
N VAL A 188 -0.48 1.74 12.54
CA VAL A 188 0.36 2.59 11.67
C VAL A 188 -0.02 2.34 10.20
N ASP A 189 -0.16 1.05 9.80
CA ASP A 189 -0.53 0.67 8.43
C ASP A 189 -1.98 1.09 8.13
N VAL A 190 -2.88 0.99 9.13
CA VAL A 190 -4.31 1.39 9.03
C VAL A 190 -4.39 2.90 8.68
N TRP A 191 -3.58 3.72 9.38
CA TRP A 191 -3.52 5.16 9.17
C TRP A 191 -3.14 5.47 7.72
N SER A 192 -2.00 4.92 7.24
CA SER A 192 -1.52 5.14 5.86
C SER A 192 -2.60 4.74 4.82
N CYS A 193 -3.38 3.71 5.09
CA CYS A 193 -4.50 3.28 4.23
C CYS A 193 -5.58 4.35 4.16
N GLY A 194 -5.87 5.04 5.27
CA GLY A 194 -6.83 6.14 5.30
C GLY A 194 -6.33 7.35 4.50
N ILE A 195 -5.00 7.58 4.50
CA ILE A 195 -4.42 8.68 3.70
C ILE A 195 -4.52 8.31 2.19
N VAL A 196 -4.30 7.02 1.85
CA VAL A 196 -4.46 6.56 0.46
C VAL A 196 -5.94 6.78 0.06
N LEU A 197 -6.90 6.44 0.94
CA LEU A 197 -8.32 6.62 0.66
C LEU A 197 -8.64 8.10 0.43
N THR A 198 -8.01 9.00 1.21
CA THR A 198 -8.17 10.45 1.08
C THR A 198 -7.67 10.89 -0.31
N ALA A 199 -6.47 10.43 -0.72
CA ALA A 199 -5.85 10.75 -2.01
C ALA A 199 -6.74 10.31 -3.18
N MET A 200 -7.33 9.11 -3.10
CA MET A 200 -8.19 8.55 -4.14
C MET A 200 -9.50 9.32 -4.31
N LEU A 201 -10.05 9.88 -3.22
CA LEU A 201 -11.33 10.58 -3.26
C LEU A 201 -11.23 12.11 -3.45
N ALA A 202 -10.06 12.71 -3.19
CA ALA A 202 -9.93 14.15 -3.29
C ALA A 202 -8.77 14.58 -4.18
N GLY A 203 -7.94 13.62 -4.60
CA GLY A 203 -6.79 13.89 -5.46
C GLY A 203 -5.73 14.79 -4.83
N GLU A 204 -5.74 14.91 -3.50
CA GLU A 204 -4.75 15.71 -2.78
C GLU A 204 -4.49 15.09 -1.39
N LEU A 205 -3.32 15.39 -0.84
CA LEU A 205 -2.93 14.91 0.48
C LEU A 205 -3.40 15.92 1.52
N PRO A 206 -3.92 15.47 2.69
CA PRO A 206 -4.47 16.46 3.65
C PRO A 206 -3.43 17.34 4.35
N TRP A 207 -2.23 16.82 4.67
CA TRP A 207 -1.17 17.58 5.36
C TRP A 207 0.22 17.10 4.96
N ASP A 208 1.25 17.93 5.23
CA ASP A 208 2.66 17.60 4.98
C ASP A 208 3.12 16.52 5.95
N GLN A 209 2.57 16.53 7.18
CA GLN A 209 2.84 15.58 8.26
C GLN A 209 1.78 15.71 9.37
N PRO A 210 1.49 14.64 10.15
CA PRO A 210 0.45 14.75 11.18
C PRO A 210 0.96 15.28 12.52
N SER A 211 1.28 16.58 12.58
CA SER A 211 1.76 17.22 13.82
C SER A 211 0.96 18.49 14.15
N ASP A 212 0.88 18.82 15.47
CA ASP A 212 0.16 20.00 16.01
C ASP A 212 0.61 21.30 15.31
N SER A 213 1.91 21.40 14.96
CA SER A 213 2.50 22.55 14.25
C SER A 213 1.94 22.70 12.82
N CYS A 214 1.35 21.61 12.26
CA CYS A 214 0.76 21.61 10.93
C CYS A 214 -0.70 22.03 11.02
N GLN A 215 -1.01 23.22 10.43
CA GLN A 215 -2.33 23.87 10.43
C GLN A 215 -3.43 22.98 9.87
N GLU A 216 -3.17 22.32 8.72
CA GLU A 216 -4.10 21.41 8.06
C GLU A 216 -4.45 20.23 8.99
N TYR A 217 -3.47 19.73 9.76
CA TYR A 217 -3.71 18.65 10.70
C TYR A 217 -4.55 19.14 11.89
N SER A 218 -4.25 20.37 12.40
CA SER A 218 -4.99 21.00 13.51
C SER A 218 -6.45 21.24 13.12
N ASP A 219 -6.70 21.66 11.86
CA ASP A 219 -8.04 21.88 11.31
C ASP A 219 -8.86 20.59 11.28
N TRP A 220 -8.21 19.46 10.92
CA TRP A 220 -8.83 18.14 10.91
C TRP A 220 -9.26 17.74 12.33
N LYS A 221 -8.35 17.87 13.31
CA LYS A 221 -8.63 17.56 14.71
C LYS A 221 -9.75 18.45 15.26
N GLU A 222 -9.94 19.66 14.68
CA GLU A 222 -10.99 20.62 15.05
C GLU A 222 -12.29 20.40 14.23
N LYS A 223 -12.30 19.35 13.37
CA LYS A 223 -13.42 18.89 12.53
C LYS A 223 -13.90 19.94 11.50
N LYS A 224 -12.96 20.74 10.97
CA LYS A 224 -13.27 21.75 9.94
C LYS A 224 -13.33 21.04 8.58
N THR A 225 -14.36 20.21 8.37
CA THR A 225 -14.52 19.40 7.16
C THR A 225 -15.18 20.18 6.01
N TYR A 226 -15.41 21.51 6.20
CA TYR A 226 -15.93 22.41 5.18
C TYR A 226 -14.76 22.90 4.32
N LEU A 227 -13.53 22.58 4.76
CA LEU A 227 -12.28 22.90 4.08
C LEU A 227 -11.83 21.72 3.21
N ASN A 228 -10.86 21.97 2.32
CA ASN A 228 -10.27 20.94 1.45
C ASN A 228 -9.26 20.13 2.26
N PRO A 229 -9.07 18.81 1.99
CA PRO A 229 -9.70 17.98 0.93
C PRO A 229 -11.07 17.42 1.26
N TRP A 230 -11.50 17.55 2.54
CA TRP A 230 -12.69 16.94 3.12
C TRP A 230 -14.00 17.36 2.46
N LYS A 231 -14.11 18.60 1.96
CA LYS A 231 -15.34 19.08 1.34
C LYS A 231 -15.62 18.39 0.00
N LYS A 232 -14.61 17.79 -0.66
CA LYS A 232 -14.79 17.04 -1.92
C LYS A 232 -15.27 15.58 -1.68
N ILE A 233 -15.29 15.12 -0.40
CA ILE A 233 -15.58 13.71 -0.06
C ILE A 233 -16.99 13.57 0.47
N ASP A 234 -17.75 12.57 -0.06
CA ASP A 234 -19.11 12.29 0.39
C ASP A 234 -19.11 11.91 1.87
N SER A 235 -20.23 12.13 2.56
CA SER A 235 -20.42 11.91 4.00
C SER A 235 -20.19 10.45 4.45
N ALA A 236 -20.58 9.46 3.63
CA ALA A 236 -20.38 8.02 3.96
C ALA A 236 -18.85 7.67 3.96
N PRO A 237 -18.04 7.91 2.89
CA PRO A 237 -16.59 7.63 3.01
C PRO A 237 -15.90 8.55 4.02
N LEU A 238 -16.41 9.79 4.21
CA LEU A 238 -15.85 10.76 5.17
C LEU A 238 -16.04 10.28 6.63
N ALA A 239 -17.16 9.59 6.92
CA ALA A 239 -17.45 9.01 8.26
C ALA A 239 -16.45 7.87 8.56
N LEU A 240 -16.02 7.14 7.51
CA LEU A 240 -15.01 6.10 7.67
C LEU A 240 -13.65 6.75 7.96
N LEU A 241 -13.30 7.82 7.23
CA LEU A 241 -12.05 8.56 7.42
C LEU A 241 -12.00 9.17 8.84
N HIS A 242 -13.16 9.58 9.39
CA HIS A 242 -13.22 10.09 10.77
C HIS A 242 -12.80 9.02 11.77
N LYS A 243 -13.03 7.72 11.47
CA LYS A 243 -12.68 6.59 12.33
C LYS A 243 -11.24 6.12 12.13
N ILE A 244 -10.69 6.30 10.92
CA ILE A 244 -9.31 5.90 10.61
C ILE A 244 -8.31 6.95 11.05
N LEU A 245 -8.55 8.22 10.70
CA LEU A 245 -7.58 9.26 10.99
C LEU A 245 -7.79 9.86 12.40
N VAL A 246 -7.75 8.97 13.40
CA VAL A 246 -7.89 9.25 14.83
C VAL A 246 -6.46 9.27 15.41
N GLU A 247 -6.07 10.37 16.12
CA GLU A 247 -4.71 10.56 16.64
C GLU A 247 -4.27 9.44 17.62
N ASN A 248 -5.14 9.04 18.56
CA ASN A 248 -4.81 7.99 19.52
C ASN A 248 -4.85 6.63 18.78
N PRO A 249 -3.71 5.92 18.62
CA PRO A 249 -3.74 4.64 17.89
C PRO A 249 -4.55 3.54 18.60
N SER A 250 -4.83 3.69 19.91
CA SER A 250 -5.62 2.73 20.70
C SER A 250 -7.12 2.92 20.45
N ALA A 251 -7.54 4.13 20.05
CA ALA A 251 -8.96 4.44 19.74
C ALA A 251 -9.25 4.25 18.25
N ARG A 252 -8.20 4.31 17.40
CA ARG A 252 -8.29 4.13 15.94
C ARG A 252 -8.97 2.80 15.61
N ILE A 253 -9.83 2.82 14.59
CA ILE A 253 -10.54 1.65 14.10
C ILE A 253 -9.54 0.57 13.62
N THR A 254 -9.91 -0.71 13.83
CA THR A 254 -9.10 -1.85 13.40
C THR A 254 -9.69 -2.30 12.07
N ILE A 255 -8.95 -3.10 11.29
CA ILE A 255 -9.46 -3.58 9.99
C ILE A 255 -10.72 -4.46 10.19
N PRO A 256 -10.84 -5.41 11.18
CA PRO A 256 -12.12 -6.15 11.31
C PRO A 256 -13.33 -5.21 11.45
N ASP A 257 -13.14 -4.01 12.05
CA ASP A 257 -14.20 -3.02 12.21
C ASP A 257 -14.37 -2.17 10.95
N ILE A 258 -13.28 -1.94 10.16
CA ILE A 258 -13.39 -1.25 8.87
C ILE A 258 -14.34 -2.08 7.95
N LYS A 259 -14.27 -3.41 8.06
CA LYS A 259 -15.05 -4.37 7.26
C LYS A 259 -16.56 -4.34 7.57
N LYS A 260 -16.96 -3.70 8.68
CA LYS A 260 -18.35 -3.50 9.11
C LYS A 260 -18.83 -2.07 8.85
N ASP A 261 -17.96 -1.18 8.33
CA ASP A 261 -18.32 0.22 8.07
C ASP A 261 -19.37 0.29 6.95
N ARG A 262 -20.32 1.21 7.09
CA ARG A 262 -21.43 1.42 6.15
C ARG A 262 -20.94 1.66 4.70
N TRP A 263 -19.97 2.60 4.51
CA TRP A 263 -19.49 2.88 3.15
C TRP A 263 -18.73 1.70 2.56
N TYR A 264 -17.91 1.03 3.41
CA TYR A 264 -17.12 -0.14 3.02
C TYR A 264 -18.04 -1.24 2.42
N ASN A 265 -19.25 -1.40 2.98
CA ASN A 265 -20.24 -2.37 2.53
C ASN A 265 -21.34 -1.78 1.61
N LYS A 266 -21.15 -0.53 1.13
CA LYS A 266 -22.12 0.11 0.24
C LYS A 266 -21.98 -0.41 -1.20
N PRO A 267 -23.06 -0.91 -1.84
CA PRO A 267 -22.95 -1.35 -3.24
C PRO A 267 -22.83 -0.11 -4.14
N LEU A 268 -21.76 -0.05 -4.93
CA LEU A 268 -21.47 1.11 -5.76
C LEU A 268 -21.01 0.75 -7.16
N LYS A 269 -20.14 -0.27 -7.28
CA LYS A 269 -19.51 -0.64 -8.54
C LYS A 269 -20.04 -1.92 -9.15
N LYS A 270 -20.22 -1.87 -10.47
CA LYS A 270 -20.59 -2.99 -11.30
C LYS A 270 -19.33 -3.78 -11.59
N GLY A 271 -19.47 -5.09 -11.82
CA GLY A 271 -18.34 -5.95 -12.16
C GLY A 271 -17.78 -5.60 -13.52
N ALA A 272 -16.56 -6.10 -13.85
CA ALA A 272 -15.91 -5.85 -15.14
C ALA A 272 -16.85 -6.23 -16.29
N LYS A 273 -17.04 -5.28 -17.23
CA LYS A 273 -17.94 -5.41 -18.39
C LYS A 273 -17.59 -6.66 -19.23
N ARG A 274 -18.56 -7.59 -19.32
CA ARG A 274 -18.44 -8.83 -20.07
C ARG A 274 -19.09 -8.66 -21.46
N PRO A 275 -18.52 -9.24 -22.54
CA PRO A 275 -19.14 -9.08 -23.88
C PRO A 275 -20.56 -9.64 -23.95
N ARG A 276 -21.47 -8.91 -24.62
CA ARG A 276 -22.88 -9.28 -24.73
C ARG A 276 -23.51 -8.83 -26.05
N VAL A 277 -24.53 -9.58 -26.52
CA VAL A 277 -25.30 -9.30 -27.76
C VAL A 277 -26.82 -9.33 -27.46
N THR A 278 -27.64 -8.68 -28.32
CA THR A 278 -29.09 -8.63 -28.12
C THR A 278 -29.83 -9.34 -29.27
O1 H8K B . 7.97 6.30 -18.85
C1 H8K B . 6.89 5.90 -17.99
C6 H8K B . 6.53 4.45 -18.25
C5 H8K B . 7.31 3.50 -17.33
C4 H8K B . 6.96 3.72 -15.86
C3 H8K B . 6.53 5.16 -15.62
C2 H8K B . 7.26 6.13 -16.54
N1 H8K B . 5.95 2.74 -15.43
C7 H8K B . 5.58 2.69 -14.02
C8 H8K B . 5.54 1.27 -13.53
C21 H8K B . 6.24 0.88 -12.39
C12 H8K B . 6.30 -0.45 -11.99
C13 H8K B . 7.02 -1.08 -10.83
C14 H8K B . 6.69 -2.50 -10.95
C16 H8K B . 6.80 -3.77 -10.38
C17 H8K B . 7.44 -4.14 -9.17
C20 H8K B . 8.20 -3.33 -8.26
C19 H8K B . 8.51 -4.08 -7.21
O2 H8K B . 7.99 -5.34 -7.37
C18 H8K B . 7.37 -5.36 -8.57
N3 H8K B . 6.10 -4.62 -11.16
N2 H8K B . 5.50 -3.98 -12.22
C15 H8K B . 5.85 -2.70 -12.09
C11 H8K B . 5.63 -1.42 -12.72
C10 H8K B . 4.91 -1.05 -13.86
C9 H8K B . 4.86 0.29 -14.25
H4 H8K B . 7.56 6.71 -19.65
H1 H8K B . 6.02 6.51 -18.24
H11 H8K B . 6.72 4.19 -19.29
H12 H8K B . 5.46 4.29 -18.13
H9 H8K B . 7.12 2.48 -17.62
H10 H8K B . 8.39 3.64 -17.51
H2 H8K B . 7.87 3.55 -15.28
H8 H8K B . 5.46 5.26 -15.74
H7 H8K B . 6.72 5.44 -14.59
H6 H8K B . 8.34 6.04 -16.41
H5 H8K B . 7.04 7.15 -16.24
H13 H8K B . 5.13 2.72 -16.03
H15 H8K B . 6.31 3.24 -13.41
H14 H8K B . 4.63 3.18 -13.80
H23 H8K B . 6.75 1.63 -11.78
H19 H8K B . 8.09 -0.90 -10.88
H18 H8K B . 6.69 -0.66 -9.88
H22 H8K B . 8.47 -2.29 -8.43
H21 H8K B . 9.04 -3.93 -6.28
H20 H8K B . 6.93 -6.31 -8.86
H3 H8K B . 5.96 -5.62 -11.05
H17 H8K B . 4.41 -1.80 -14.45
H16 H8K B . 4.29 0.57 -15.13
S SO4 C . 13.01 -3.00 12.81
O1 SO4 C . 12.79 -4.43 12.64
O2 SO4 C . 13.31 -2.40 11.48
O3 SO4 C . 14.15 -2.77 13.71
O4 SO4 C . 11.82 -2.39 13.39
C1 IPA D . -12.05 14.66 13.00
C2 IPA D . -11.47 13.60 13.93
C3 IPA D . -10.01 13.91 14.22
O2 IPA D . -11.62 12.26 13.41
C1 IPA E . -2.84 12.51 -4.65
C2 IPA E . -1.55 12.41 -3.82
C3 IPA E . -0.54 13.44 -4.35
O2 IPA E . -0.99 11.09 -3.95
#